data_2V2Z
#
_entry.id   2V2Z
#
_cell.length_a   136.994
_cell.length_b   136.994
_cell.length_c   136.994
_cell.angle_alpha   90.00
_cell.angle_beta   90.00
_cell.angle_gamma   90.00
#
_symmetry.space_group_name_H-M   'P 21 3'
#
loop_
_entity.id
_entity.type
_entity.pdbx_description
1 polymer '4-DIPHOSPHOCYTIDYL-2C-METHYL-D-ERYTHRITOL KINASE'
2 non-polymer 4-DIPHOSPHOCYTIDYL-2-C-METHYL-D-ERYTHRITOL
3 non-polymer "ADENOSINE-5'-DIPHOSPHATE"
4 non-polymer 'SULFATE ION'
5 non-polymer 'CHLORIDE ION'
6 water water
#
_entity_poly.entity_id   1
_entity_poly.type   'polypeptide(L)'
_entity_poly.pdbx_seq_one_letter_code
;GSHMIKVLSPAKINLGLWVLGRLPSGYHEILTLYQEIPFYDEIYIREGVLRVETNIGIPQEENLVYKGLREFERITGIEI
NYSIFIQKNIPPGAGLGGGSSNLAVVLKKVNELLGSPLSEEELRELVGSISADAPFFLLGKSAIGRGKGEVLEPVETEIS
GKITLVIPQVSSSTGRVYSSLREEHFVTPEYAEEKIQRIISGEVEEIENVLGDIARELYPEINEVYRFVEYLGFKPFVSG
SGSTVYFFGGASEELKKAAKMRGWKVVELEL
;
_entity_poly.pdbx_strand_id   A,B
#
# COMPACT_ATOMS: atom_id res chain seq x y z
N HIS A 3 30.21 6.96 43.12
CA HIS A 3 29.69 8.03 42.23
C HIS A 3 28.69 7.43 41.23
N MET A 4 27.47 7.21 41.70
CA MET A 4 26.40 6.63 40.89
C MET A 4 25.83 7.64 39.90
N ILE A 5 25.62 7.18 38.67
CA ILE A 5 24.96 7.99 37.66
C ILE A 5 23.68 7.33 37.16
N LYS A 6 22.82 8.14 36.54
CA LYS A 6 21.59 7.65 35.91
C LYS A 6 21.65 7.92 34.41
N VAL A 7 21.38 6.89 33.61
CA VAL A 7 21.19 7.06 32.16
C VAL A 7 19.83 6.50 31.73
N LEU A 8 19.12 7.25 30.89
CA LEU A 8 17.83 6.81 30.35
C LEU A 8 17.99 5.94 29.09
N SER A 9 17.24 4.85 29.04
CA SER A 9 17.29 3.94 27.90
C SER A 9 15.93 3.92 27.18
N PRO A 10 15.84 4.61 26.02
CA PRO A 10 14.57 4.79 25.33
C PRO A 10 14.12 3.56 24.55
N ALA A 11 12.82 3.49 24.25
CA ALA A 11 12.26 2.46 23.39
C ALA A 11 12.22 2.96 21.93
N LYS A 12 11.90 2.05 21.01
CA LYS A 12 11.53 2.42 19.65
C LYS A 12 10.22 1.75 19.28
N ILE A 13 9.58 2.26 18.23
CA ILE A 13 8.60 1.49 17.50
C ILE A 13 9.05 1.34 16.04
N ASN A 14 8.58 0.29 15.38
CA ASN A 14 8.70 0.21 13.94
C ASN A 14 7.47 0.82 13.32
N LEU A 15 7.66 1.85 12.50
CA LEU A 15 6.59 2.44 11.72
C LEU A 15 6.57 1.73 10.37
N GLY A 16 6.25 0.44 10.41
CA GLY A 16 6.30 -0.40 9.23
C GLY A 16 7.53 -1.27 9.22
N LEU A 17 7.36 -2.52 8.80
CA LEU A 17 8.47 -3.45 8.61
C LEU A 17 8.13 -4.40 7.46
N TRP A 18 9.15 -4.69 6.65
CA TRP A 18 9.03 -5.60 5.52
C TRP A 18 10.20 -6.55 5.55
N VAL A 19 9.94 -7.80 5.18
CA VAL A 19 10.97 -8.82 5.13
C VAL A 19 11.22 -9.20 3.67
N LEU A 20 12.49 -9.09 3.27
CA LEU A 20 12.88 -9.34 1.89
C LEU A 20 13.18 -10.80 1.60
N GLY A 21 13.72 -11.50 2.59
CA GLY A 21 14.07 -12.90 2.44
C GLY A 21 14.93 -13.40 3.58
N ARG A 22 15.24 -14.69 3.54
CA ARG A 22 16.16 -15.32 4.49
C ARG A 22 17.59 -15.00 4.12
N LEU A 23 18.45 -14.91 5.13
CA LEU A 23 19.90 -14.92 4.91
C LEU A 23 20.43 -16.28 5.31
N PRO A 24 21.49 -16.77 4.63
CA PRO A 24 22.09 -18.07 5.00
C PRO A 24 22.48 -18.16 6.48
N SER A 25 22.79 -17.02 7.11
CA SER A 25 23.12 -16.97 8.55
C SER A 25 21.97 -17.37 9.46
N GLY A 26 20.74 -17.37 8.94
CA GLY A 26 19.56 -17.66 9.75
C GLY A 26 18.79 -16.41 10.15
N TYR A 27 19.37 -15.25 9.87
CA TYR A 27 18.68 -13.98 10.00
C TYR A 27 17.87 -13.69 8.72
N HIS A 28 17.18 -12.57 8.72
CA HIS A 28 16.35 -12.16 7.60
C HIS A 28 16.76 -10.78 7.17
N GLU A 29 16.73 -10.55 5.86
CA GLU A 29 16.94 -9.22 5.35
C GLU A 29 15.62 -8.46 5.43
N ILE A 30 15.70 -7.24 5.95
CA ILE A 30 14.50 -6.46 6.24
C ILE A 30 14.66 -5.00 5.82
N LEU A 31 13.52 -4.32 5.81
CA LEU A 31 13.45 -2.88 5.70
C LEU A 31 12.45 -2.41 6.75
N THR A 32 12.82 -1.37 7.49
CA THR A 32 11.96 -0.84 8.52
C THR A 32 12.25 0.64 8.78
N LEU A 33 11.23 1.36 9.22
CA LEU A 33 11.40 2.70 9.71
C LEU A 33 11.39 2.65 11.24
N TYR A 34 12.55 2.93 11.84
CA TYR A 34 12.68 2.99 13.30
C TYR A 34 12.30 4.39 13.77
N GLN A 35 11.63 4.46 14.91
CA GLN A 35 11.31 5.73 15.56
C GLN A 35 11.53 5.56 17.05
N GLU A 36 12.52 6.29 17.58
CA GLU A 36 12.72 6.40 19.02
C GLU A 36 11.53 7.10 19.67
N ILE A 37 11.04 6.55 20.78
CA ILE A 37 9.88 7.09 21.48
C ILE A 37 10.27 7.51 22.91
N PRO A 38 9.58 8.53 23.48
CA PRO A 38 9.91 8.97 24.85
C PRO A 38 9.35 8.05 25.93
N PHE A 39 9.93 6.86 26.01
CA PHE A 39 9.49 5.81 26.91
C PHE A 39 10.79 5.12 27.32
N TYR A 40 11.11 5.16 28.60
CA TYR A 40 12.48 4.88 29.05
C TYR A 40 12.59 3.85 30.17
N ASP A 41 13.63 3.02 30.09
CA ASP A 41 14.16 2.34 31.27
C ASP A 41 15.09 3.33 31.98
N GLU A 42 15.18 3.22 33.31
CA GLU A 42 16.14 4.00 34.10
C GLU A 42 17.29 3.08 34.47
N ILE A 43 18.51 3.47 34.12
CA ILE A 43 19.67 2.65 34.40
C ILE A 43 20.62 3.36 35.36
N TYR A 44 20.91 2.70 36.47
CA TYR A 44 21.79 3.28 37.47
C TYR A 44 23.15 2.58 37.41
N ILE A 45 24.19 3.37 37.19
CA ILE A 45 25.54 2.86 37.03
C ILE A 45 26.41 3.30 38.20
N ARG A 46 27.04 2.32 38.84
CA ARG A 46 27.75 2.50 40.10
C ARG A 46 29.11 1.81 40.02
N GLU A 47 30.12 2.46 40.56
CA GLU A 47 31.44 1.84 40.72
C GLU A 47 31.34 0.69 41.72
N GLY A 48 31.76 -0.49 41.29
CA GLY A 48 31.69 -1.70 42.12
C GLY A 48 32.06 -2.93 41.33
N VAL A 49 31.82 -4.11 41.90
CA VAL A 49 32.09 -5.36 41.19
C VAL A 49 31.08 -5.55 40.04
N LEU A 50 31.56 -6.00 38.89
CA LEU A 50 30.70 -6.21 37.72
C LEU A 50 29.39 -6.90 38.10
N ARG A 51 28.30 -6.17 37.94
CA ARG A 51 26.97 -6.64 38.30
C ARG A 51 25.95 -6.03 37.35
N VAL A 52 25.04 -6.86 36.84
CA VAL A 52 23.91 -6.37 36.04
C VAL A 52 22.60 -6.97 36.59
N GLU A 53 21.79 -6.10 37.21
CA GLU A 53 20.54 -6.52 37.84
C GLU A 53 19.33 -5.76 37.25
N THR A 54 18.16 -6.39 37.29
CA THR A 54 16.89 -5.75 36.93
C THR A 54 15.83 -5.97 38.02
N ASN A 55 14.73 -5.25 37.91
CA ASN A 55 13.60 -5.38 38.82
C ASN A 55 12.57 -6.43 38.36
N ILE A 56 12.89 -7.15 37.30
CA ILE A 56 11.95 -8.12 36.71
C ILE A 56 12.53 -9.52 36.57
N GLY A 57 13.61 -9.79 37.28
CA GLY A 57 14.15 -11.16 37.40
C GLY A 57 14.83 -11.74 36.17
N ILE A 58 15.42 -10.88 35.33
CA ILE A 58 16.26 -11.35 34.23
C ILE A 58 17.61 -11.76 34.81
N PRO A 59 18.02 -13.03 34.60
CA PRO A 59 19.30 -13.49 35.13
C PRO A 59 20.47 -12.77 34.49
N GLN A 60 21.48 -12.45 35.29
CA GLN A 60 22.68 -11.73 34.84
C GLN A 60 23.30 -12.34 33.58
N GLU A 61 23.42 -13.66 33.56
CA GLU A 61 24.05 -14.37 32.44
C GLU A 61 23.27 -14.27 31.13
N GLU A 62 21.97 -14.01 31.22
CA GLU A 62 21.10 -13.88 30.05
C GLU A 62 20.88 -12.43 29.63
N ASN A 63 21.36 -11.49 30.45
CA ASN A 63 21.21 -10.07 30.17
C ASN A 63 22.15 -9.60 29.07
N LEU A 64 21.58 -8.95 28.05
CA LEU A 64 22.33 -8.44 26.90
C LEU A 64 23.41 -7.43 27.30
N VAL A 65 23.10 -6.61 28.30
CA VAL A 65 24.04 -5.64 28.83
C VAL A 65 25.26 -6.35 29.41
N TYR A 66 25.02 -7.42 30.16
CA TYR A 66 26.10 -8.19 30.77
C TYR A 66 26.98 -8.87 29.73
N LYS A 67 26.34 -9.48 28.73
CA LYS A 67 27.03 -10.09 27.60
C LYS A 67 27.89 -9.07 26.87
N GLY A 68 27.35 -7.85 26.71
CA GLY A 68 28.05 -6.76 26.07
C GLY A 68 29.27 -6.27 26.84
N LEU A 69 29.14 -6.20 28.16
CA LEU A 69 30.24 -5.76 29.02
C LEU A 69 31.36 -6.80 29.06
N ARG A 70 30.98 -8.08 29.07
CA ARG A 70 31.94 -9.19 29.05
C ARG A 70 32.69 -9.26 27.72
N GLU A 71 32.00 -8.95 26.63
CA GLU A 71 32.64 -8.87 25.33
C GLU A 71 33.55 -7.65 25.27
N PHE A 72 33.10 -6.54 25.86
CA PHE A 72 33.91 -5.32 26.00
C PHE A 72 35.25 -5.64 26.68
N GLU A 73 35.20 -6.33 27.81
CA GLU A 73 36.39 -6.77 28.54
C GLU A 73 37.35 -7.59 27.67
N ARG A 74 36.78 -8.55 26.93
CA ARG A 74 37.54 -9.48 26.11
CA ARG A 74 37.55 -9.47 26.10
C ARG A 74 38.25 -8.78 24.94
N ILE A 75 37.55 -7.85 24.30
CA ILE A 75 38.06 -7.10 23.15
C ILE A 75 39.16 -6.11 23.57
N THR A 76 39.01 -5.57 24.78
CA THR A 76 39.73 -4.37 25.19
C THR A 76 40.83 -4.64 26.26
N GLY A 77 40.71 -5.76 26.97
CA GLY A 77 41.63 -6.10 28.04
C GLY A 77 41.34 -5.39 29.36
N ILE A 78 40.51 -4.34 29.30
CA ILE A 78 40.18 -3.52 30.47
C ILE A 78 39.09 -4.19 31.33
N GLU A 79 39.36 -4.28 32.63
CA GLU A 79 38.42 -4.82 33.61
C GLU A 79 37.27 -3.84 33.86
N ILE A 80 36.04 -4.35 33.78
CA ILE A 80 34.85 -3.54 34.03
C ILE A 80 34.42 -3.65 35.49
N ASN A 81 34.58 -2.56 36.23
CA ASN A 81 34.15 -2.52 37.62
C ASN A 81 32.94 -1.61 37.81
N TYR A 82 31.83 -1.99 37.18
CA TYR A 82 30.57 -1.25 37.30
C TYR A 82 29.42 -2.13 37.77
N SER A 83 28.61 -1.56 38.66
CA SER A 83 27.39 -2.21 39.15
C SER A 83 26.18 -1.59 38.48
N ILE A 84 25.49 -2.39 37.67
CA ILE A 84 24.40 -1.90 36.82
C ILE A 84 23.05 -2.37 37.35
N PHE A 85 22.16 -1.43 37.65
CA PHE A 85 20.77 -1.76 37.90
C PHE A 85 19.84 -1.11 36.87
N ILE A 86 19.00 -1.93 36.26
CA ILE A 86 18.05 -1.45 35.26
C ILE A 86 16.63 -1.56 35.80
N GLN A 87 15.94 -0.43 35.87
CA GLN A 87 14.51 -0.41 36.16
C GLN A 87 13.76 -0.50 34.83
N LYS A 88 13.20 -1.69 34.59
CA LYS A 88 12.62 -2.07 33.31
C LYS A 88 11.17 -1.63 33.11
N ASN A 89 10.98 -0.42 32.59
CA ASN A 89 9.66 0.09 32.24
C ASN A 89 9.16 -0.47 30.91
N ILE A 90 10.12 -0.74 30.02
CA ILE A 90 9.85 -1.29 28.70
C ILE A 90 9.86 -2.82 28.83
N PRO A 91 8.68 -3.45 28.69
CA PRO A 91 8.60 -4.90 28.93
C PRO A 91 9.33 -5.74 27.88
N PRO A 92 9.93 -6.88 28.31
CA PRO A 92 10.57 -7.83 27.40
C PRO A 92 9.54 -8.54 26.52
N GLY A 93 9.88 -8.72 25.25
CA GLY A 93 8.99 -9.36 24.29
C GLY A 93 7.88 -8.45 23.78
N ALA A 94 8.04 -7.14 23.98
CA ALA A 94 7.02 -6.16 23.59
C ALA A 94 7.24 -5.57 22.19
N GLY A 95 8.37 -5.90 21.57
CA GLY A 95 8.72 -5.38 20.24
C GLY A 95 9.18 -3.93 20.26
N LEU A 96 9.67 -3.47 21.41
CA LEU A 96 10.07 -2.07 21.58
C LEU A 96 11.59 -1.90 21.71
N GLY A 97 12.31 -3.00 21.56
CA GLY A 97 13.78 -3.01 21.60
C GLY A 97 14.42 -2.63 22.93
N GLY A 98 13.70 -2.86 24.03
CA GLY A 98 14.20 -2.54 25.37
C GLY A 98 15.57 -3.08 25.73
N GLY A 99 15.77 -4.39 25.53
CA GLY A 99 17.07 -5.03 25.73
C GLY A 99 18.19 -4.48 24.85
N SER A 100 17.85 -4.18 23.59
CA SER A 100 18.80 -3.62 22.61
C SER A 100 19.23 -2.21 22.99
N SER A 101 18.25 -1.42 23.44
CA SER A 101 18.48 -0.08 23.95
C SER A 101 19.40 -0.11 25.19
N ASN A 102 19.07 -0.99 26.14
CA ASN A 102 19.85 -1.19 27.36
C ASN A 102 21.32 -1.44 27.02
N LEU A 103 21.57 -2.45 26.18
CA LEU A 103 22.90 -2.79 25.69
C LEU A 103 23.67 -1.61 25.10
N ALA A 104 23.00 -0.86 24.21
CA ALA A 104 23.64 0.25 23.50
C ALA A 104 24.00 1.45 24.39
N VAL A 105 23.05 1.90 25.23
CA VAL A 105 23.30 3.07 26.07
C VAL A 105 24.31 2.81 27.18
N VAL A 106 24.29 1.59 27.74
CA VAL A 106 25.25 1.21 28.78
C VAL A 106 26.65 1.12 28.19
N LEU A 107 26.79 0.42 27.06
CA LEU A 107 28.10 0.27 26.44
C LEU A 107 28.67 1.56 25.88
N LYS A 108 27.79 2.44 25.37
CA LYS A 108 28.23 3.78 24.97
C LYS A 108 28.75 4.57 26.19
N LYS A 109 28.02 4.50 27.30
CA LYS A 109 28.40 5.24 28.52
C LYS A 109 29.70 4.71 29.15
N VAL A 110 29.78 3.39 29.31
CA VAL A 110 30.95 2.72 29.88
C VAL A 110 32.20 2.96 29.03
N ASN A 111 32.02 3.01 27.70
CA ASN A 111 33.11 3.31 26.78
C ASN A 111 33.67 4.71 27.01
N GLU A 112 32.78 5.69 27.11
CA GLU A 112 33.15 7.08 27.43
C GLU A 112 33.81 7.23 28.80
N LEU A 113 33.28 6.51 29.79
CA LEU A 113 33.79 6.56 31.16
C LEU A 113 35.21 6.03 31.27
N LEU A 114 35.55 5.08 30.41
CA LEU A 114 36.86 4.44 30.42
C LEU A 114 37.84 4.99 29.38
N GLY A 115 37.54 6.16 28.85
CA GLY A 115 38.47 6.88 27.96
C GLY A 115 38.28 6.62 26.48
N SER A 116 37.16 5.98 26.14
CA SER A 116 36.79 5.64 24.75
C SER A 116 37.81 4.74 24.04
N PRO A 117 38.13 3.55 24.61
CA PRO A 117 39.01 2.60 23.91
C PRO A 117 38.46 2.12 22.57
N LEU A 118 37.14 2.15 22.42
CA LEU A 118 36.50 1.81 21.14
C LEU A 118 35.99 3.05 20.42
N SER A 119 36.14 3.04 19.11
CA SER A 119 35.61 4.08 18.23
C SER A 119 34.11 3.86 18.02
N GLU A 120 33.43 4.87 17.48
CA GLU A 120 32.01 4.77 17.12
C GLU A 120 31.72 3.50 16.32
N GLU A 121 32.61 3.21 15.37
CA GLU A 121 32.51 2.05 14.48
C GLU A 121 32.65 0.72 15.22
N GLU A 122 33.63 0.63 16.11
CA GLU A 122 33.89 -0.58 16.90
C GLU A 122 32.76 -0.87 17.88
N LEU A 123 32.28 0.19 18.53
CA LEU A 123 31.13 0.12 19.43
C LEU A 123 29.90 -0.40 18.69
N ARG A 124 29.65 0.19 17.52
CA ARG A 124 28.55 -0.22 16.63
C ARG A 124 28.63 -1.72 16.29
N GLU A 125 29.83 -2.19 15.94
CA GLU A 125 30.06 -3.60 15.61
CA GLU A 125 30.03 -3.60 15.61
C GLU A 125 29.86 -4.50 16.83
N LEU A 126 30.29 -4.01 17.99
CA LEU A 126 30.14 -4.75 19.26
C LEU A 126 28.66 -4.98 19.61
N VAL A 127 27.90 -3.90 19.74
CA VAL A 127 26.49 -4.01 20.10
C VAL A 127 25.70 -4.74 18.99
N GLY A 128 26.10 -4.48 17.74
CA GLY A 128 25.49 -5.12 16.57
C GLY A 128 25.67 -6.63 16.51
N SER A 129 26.82 -7.12 16.99
CA SER A 129 27.11 -8.55 17.00
C SER A 129 26.28 -9.34 18.01
N ILE A 130 25.63 -8.62 18.91
CA ILE A 130 24.81 -9.18 19.99
C ILE A 130 23.30 -8.98 19.72
N SER A 131 22.97 -7.86 19.08
CA SER A 131 21.58 -7.47 18.84
C SER A 131 21.45 -6.66 17.55
N ALA A 132 20.60 -7.12 16.65
CA ALA A 132 20.35 -6.43 15.38
C ALA A 132 19.74 -5.04 15.53
N ASP A 133 18.94 -4.82 16.57
CA ASP A 133 18.32 -3.52 16.83
C ASP A 133 19.20 -2.53 17.60
N ALA A 134 20.27 -3.03 18.22
CA ALA A 134 21.11 -2.19 19.11
C ALA A 134 21.81 -1.00 18.46
N PRO A 135 22.37 -1.19 17.24
CA PRO A 135 22.95 -0.02 16.54
C PRO A 135 22.01 1.17 16.33
N PHE A 136 20.71 0.92 16.15
CA PHE A 136 19.75 2.04 16.06
C PHE A 136 19.81 2.95 17.28
N PHE A 137 19.97 2.35 18.45
CA PHE A 137 19.92 3.08 19.71
C PHE A 137 21.20 3.88 19.96
N LEU A 138 22.20 3.69 19.10
CA LEU A 138 23.38 4.56 19.08
C LEU A 138 23.13 5.82 18.26
N LEU A 139 22.03 5.84 17.51
CA LEU A 139 21.60 7.00 16.69
C LEU A 139 20.38 7.70 17.28
N GLY A 140 19.33 6.92 17.54
CA GLY A 140 18.06 7.45 18.01
C GLY A 140 17.30 8.16 16.92
N LYS A 141 16.27 8.91 17.32
CA LYS A 141 15.44 9.72 16.39
C LYS A 141 14.69 8.86 15.36
N SER A 142 14.71 9.27 14.09
CA SER A 142 14.10 8.49 13.00
C SER A 142 15.19 7.98 12.04
N ALA A 143 15.10 6.70 11.69
CA ALA A 143 16.05 6.10 10.76
C ALA A 143 15.47 4.93 9.98
N ILE A 144 15.83 4.81 8.70
CA ILE A 144 15.54 3.60 7.95
C ILE A 144 16.61 2.58 8.27
N GLY A 145 16.18 1.38 8.63
CA GLY A 145 17.09 0.28 8.93
C GLY A 145 17.07 -0.72 7.79
N ARG A 146 18.24 -1.00 7.24
CA ARG A 146 18.37 -1.97 6.14
C ARG A 146 19.33 -3.09 6.53
N GLY A 147 19.51 -4.08 5.65
CA GLY A 147 20.27 -5.29 5.98
C GLY A 147 19.49 -6.13 6.97
N LYS A 148 20.09 -6.39 8.13
CA LYS A 148 19.38 -7.03 9.25
C LYS A 148 18.70 -5.99 10.16
N GLY A 149 18.88 -4.71 9.81
CA GLY A 149 18.34 -3.58 10.58
C GLY A 149 19.44 -2.61 10.98
N GLU A 150 20.68 -3.06 10.92
CA GLU A 150 21.83 -2.31 11.42
C GLU A 150 22.42 -1.28 10.43
N VAL A 151 22.02 -1.36 9.16
CA VAL A 151 22.52 -0.41 8.15
C VAL A 151 21.55 0.76 8.12
N LEU A 152 21.94 1.87 8.72
CA LEU A 152 21.01 2.93 9.08
C LEU A 152 21.10 4.22 8.26
N GLU A 153 19.93 4.75 7.88
CA GLU A 153 19.86 6.04 7.20
C GLU A 153 18.95 6.95 7.99
N PRO A 154 19.54 7.96 8.67
CA PRO A 154 18.71 8.94 9.38
C PRO A 154 17.79 9.69 8.43
N VAL A 155 16.54 9.86 8.86
CA VAL A 155 15.53 10.55 8.07
C VAL A 155 14.76 11.54 8.94
N GLU A 156 14.09 12.47 8.30
CA GLU A 156 13.20 13.39 8.98
C GLU A 156 11.79 13.08 8.51
N THR A 157 10.91 12.75 9.44
CA THR A 157 9.53 12.42 9.09
C THR A 157 8.56 13.57 9.35
N GLU A 158 7.39 13.49 8.73
CA GLU A 158 6.33 14.46 8.96
C GLU A 158 5.28 13.90 9.93
N ILE A 159 5.71 12.98 10.79
CA ILE A 159 4.84 12.34 11.78
C ILE A 159 4.97 13.02 13.13
N SER A 160 3.85 13.52 13.65
CA SER A 160 3.80 14.08 15.00
C SER A 160 2.47 13.76 15.71
N GLY A 161 2.37 14.13 16.99
CA GLY A 161 1.14 14.00 17.72
C GLY A 161 1.10 12.80 18.64
N LYS A 162 -0.13 12.46 19.06
CA LYS A 162 -0.35 11.39 20.02
C LYS A 162 -0.15 10.02 19.41
N ILE A 163 0.55 9.18 20.14
CA ILE A 163 0.60 7.76 19.85
C ILE A 163 0.36 7.04 21.16
N THR A 164 -0.51 6.03 21.13
CA THR A 164 -0.77 5.21 22.30
C THR A 164 -0.30 3.78 22.08
N LEU A 165 0.51 3.29 23.00
CA LEU A 165 0.92 1.90 23.02
C LEU A 165 0.00 1.09 23.94
N VAL A 166 -0.38 -0.09 23.48
CA VAL A 166 -1.15 -1.03 24.29
C VAL A 166 -0.37 -2.34 24.32
N ILE A 167 0.19 -2.66 25.48
CA ILE A 167 1.11 -3.78 25.62
C ILE A 167 0.49 -4.89 26.46
N PRO A 168 0.18 -6.05 25.84
CA PRO A 168 -0.40 -7.17 26.57
C PRO A 168 0.66 -7.88 27.41
N GLN A 169 0.25 -8.77 28.30
CA GLN A 169 1.18 -9.44 29.20
C GLN A 169 2.07 -10.45 28.47
N VAL A 170 1.56 -10.99 27.36
CA VAL A 170 2.29 -12.02 26.61
C VAL A 170 3.59 -11.50 26.00
N SER A 171 4.65 -12.25 26.21
CA SER A 171 5.96 -11.94 25.63
C SER A 171 6.08 -12.61 24.28
N SER A 172 6.28 -11.81 23.23
CA SER A 172 6.46 -12.35 21.90
C SER A 172 7.92 -12.76 21.71
N SER A 173 8.14 -13.99 21.25
CA SER A 173 9.48 -14.46 20.91
C SER A 173 9.84 -13.99 19.50
N THR A 174 10.83 -13.11 19.40
CA THR A 174 11.29 -12.56 18.12
C THR A 174 11.72 -13.67 17.17
N GLY A 175 12.55 -14.59 17.69
CA GLY A 175 13.01 -15.74 16.92
C GLY A 175 11.92 -16.64 16.38
N ARG A 176 10.90 -16.93 17.19
CA ARG A 176 9.78 -17.77 16.76
C ARG A 176 8.92 -17.11 15.66
N VAL A 177 8.69 -15.81 15.80
CA VAL A 177 7.94 -15.05 14.81
C VAL A 177 8.67 -15.01 13.46
N TYR A 178 9.96 -14.66 13.47
CA TYR A 178 10.78 -14.67 12.26
C TYR A 178 10.89 -16.06 11.62
N SER A 179 10.90 -17.11 12.44
CA SER A 179 11.00 -18.51 11.97
C SER A 179 9.75 -19.03 11.29
N SER A 180 8.62 -18.36 11.51
CA SER A 180 7.35 -18.74 10.90
C SER A 180 7.15 -18.14 9.50
N LEU A 181 8.05 -17.25 9.09
CA LEU A 181 8.01 -16.63 7.77
C LEU A 181 8.16 -17.65 6.64
N ARG A 182 7.30 -17.54 5.63
CA ARG A 182 7.51 -18.23 4.36
C ARG A 182 7.44 -17.27 3.19
N GLU A 183 7.66 -17.81 1.99
CA GLU A 183 7.76 -17.01 0.76
C GLU A 183 6.66 -15.97 0.56
N GLU A 184 5.42 -16.33 0.87
CA GLU A 184 4.25 -15.46 0.69
C GLU A 184 4.37 -14.15 1.50
N HIS A 185 5.12 -14.19 2.59
CA HIS A 185 5.31 -13.05 3.47
C HIS A 185 6.35 -12.05 2.97
N PHE A 186 7.23 -12.51 2.08
CA PHE A 186 8.32 -11.67 1.59
C PHE A 186 7.85 -10.69 0.51
N VAL A 187 8.52 -9.54 0.45
CA VAL A 187 8.26 -8.54 -0.59
C VAL A 187 9.57 -8.09 -1.26
N THR A 188 9.48 -7.51 -2.45
CA THR A 188 10.66 -6.91 -3.10
C THR A 188 11.08 -5.65 -2.34
N PRO A 189 12.39 -5.30 -2.36
CA PRO A 189 12.80 -4.02 -1.76
C PRO A 189 12.14 -2.80 -2.42
N GLU A 190 11.90 -2.85 -3.73
CA GLU A 190 11.22 -1.73 -4.42
C GLU A 190 9.84 -1.44 -3.83
N TYR A 191 9.07 -2.50 -3.57
CA TYR A 191 7.77 -2.35 -2.92
C TYR A 191 7.91 -1.68 -1.55
N ALA A 192 8.75 -2.24 -0.69
CA ALA A 192 8.94 -1.73 0.68
C ALA A 192 9.43 -0.29 0.69
N GLU A 193 10.36 0.01 -0.21
CA GLU A 193 11.00 1.31 -0.33
C GLU A 193 9.99 2.42 -0.68
N GLU A 194 9.03 2.11 -1.54
CA GLU A 194 7.93 3.03 -1.84
C GLU A 194 7.03 3.27 -0.61
N LYS A 195 6.72 2.20 0.10
CA LYS A 195 5.90 2.26 1.31
C LYS A 195 6.53 3.13 2.40
N ILE A 196 7.81 2.92 2.67
CA ILE A 196 8.55 3.66 3.70
C ILE A 196 8.58 5.17 3.43
N GLN A 197 8.80 5.54 2.18
CA GLN A 197 8.84 6.95 1.80
CA GLN A 197 8.85 6.95 1.80
C GLN A 197 7.49 7.65 1.99
N ARG A 198 6.39 6.93 1.78
CA ARG A 198 5.06 7.48 2.03
C ARG A 198 4.82 7.72 3.54
N ILE A 199 5.28 6.78 4.35
CA ILE A 199 5.20 6.89 5.81
C ILE A 199 6.04 8.08 6.30
N ILE A 200 7.28 8.18 5.82
CA ILE A 200 8.17 9.29 6.15
C ILE A 200 7.47 10.64 5.88
N SER A 201 6.70 10.70 4.79
CA SER A 201 5.98 11.92 4.43
C SER A 201 4.63 12.07 5.16
N GLY A 202 4.37 11.21 6.15
CA GLY A 202 3.22 11.41 7.03
C GLY A 202 2.01 10.55 6.78
N GLU A 203 2.07 9.69 5.75
CA GLU A 203 0.96 8.81 5.40
C GLU A 203 1.00 7.54 6.25
N VAL A 204 0.52 7.65 7.50
CA VAL A 204 0.60 6.54 8.46
C VAL A 204 -0.30 5.34 8.12
N GLU A 205 -1.31 5.57 7.27
CA GLU A 205 -2.17 4.50 6.75
C GLU A 205 -1.36 3.46 5.95
N GLU A 206 -0.22 3.88 5.42
CA GLU A 206 0.68 3.02 4.64
C GLU A 206 1.55 2.08 5.49
N ILE A 207 1.48 2.20 6.81
CA ILE A 207 2.22 1.30 7.71
C ILE A 207 1.63 -0.12 7.67
N GLU A 208 2.51 -1.11 7.51
CA GLU A 208 2.17 -2.51 7.69
C GLU A 208 3.38 -3.27 8.25
N ASN A 209 3.16 -4.49 8.71
CA ASN A 209 4.20 -5.29 9.34
C ASN A 209 3.77 -6.75 9.39
N VAL A 210 4.37 -7.56 8.52
CA VAL A 210 4.07 -8.99 8.40
C VAL A 210 4.38 -9.77 9.68
N LEU A 211 5.38 -9.34 10.45
CA LEU A 211 5.70 -9.99 11.73
C LEU A 211 4.57 -9.79 12.72
N GLY A 212 3.88 -8.66 12.61
CA GLY A 212 2.64 -8.40 13.35
C GLY A 212 1.52 -9.36 13.00
N ASP A 213 1.32 -9.58 11.70
CA ASP A 213 0.36 -10.57 11.20
C ASP A 213 0.59 -11.96 11.81
N ILE A 214 1.86 -12.38 11.81
CA ILE A 214 2.24 -13.68 12.34
C ILE A 214 2.08 -13.74 13.87
N ALA A 215 2.49 -12.68 14.55
CA ALA A 215 2.40 -12.61 16.01
C ALA A 215 0.95 -12.69 16.49
N ARG A 216 0.05 -12.01 15.78
CA ARG A 216 -1.39 -12.09 16.06
C ARG A 216 -1.96 -13.51 15.97
N GLU A 217 -1.38 -14.32 15.07
CA GLU A 217 -1.75 -15.74 14.93
C GLU A 217 -1.12 -16.63 16.01
N LEU A 218 0.15 -16.39 16.33
CA LEU A 218 0.89 -17.20 17.30
C LEU A 218 0.51 -16.89 18.75
N TYR A 219 0.17 -15.63 19.02
CA TYR A 219 -0.23 -15.21 20.36
C TYR A 219 -1.57 -14.49 20.27
N PRO A 220 -2.68 -15.24 20.48
CA PRO A 220 -4.05 -14.75 20.38
C PRO A 220 -4.37 -13.44 21.12
N GLU A 221 -3.69 -13.18 22.24
CA GLU A 221 -3.92 -11.95 23.00
C GLU A 221 -3.49 -10.67 22.26
N ILE A 222 -2.44 -10.77 21.44
CA ILE A 222 -2.04 -9.65 20.57
C ILE A 222 -3.19 -9.32 19.60
N ASN A 223 -3.80 -10.36 19.04
CA ASN A 223 -4.98 -10.20 18.18
C ASN A 223 -6.18 -9.57 18.90
N GLU A 224 -6.36 -9.93 20.17
CA GLU A 224 -7.39 -9.34 21.02
C GLU A 224 -7.19 -7.84 21.21
N VAL A 225 -5.96 -7.44 21.52
CA VAL A 225 -5.60 -6.03 21.63
C VAL A 225 -5.90 -5.30 20.31
N TYR A 226 -5.46 -5.92 19.21
CA TYR A 226 -5.66 -5.37 17.87
C TYR A 226 -7.14 -5.14 17.58
N ARG A 227 -7.97 -6.17 17.80
CA ARG A 227 -9.42 -6.06 17.65
C ARG A 227 -10.02 -5.01 18.57
N PHE A 228 -9.52 -4.92 19.81
CA PHE A 228 -10.00 -3.90 20.74
C PHE A 228 -9.72 -2.47 20.25
N VAL A 229 -8.54 -2.24 19.67
CA VAL A 229 -8.17 -0.93 19.16
C VAL A 229 -9.07 -0.52 17.98
N GLU A 230 -9.37 -1.47 17.11
CA GLU A 230 -10.33 -1.24 16.01
C GLU A 230 -11.68 -0.79 16.57
N TYR A 231 -12.18 -1.52 17.57
CA TYR A 231 -13.44 -1.19 18.24
C TYR A 231 -13.43 0.24 18.79
N LEU A 232 -12.27 0.66 19.29
CA LEU A 232 -12.10 2.02 19.80
C LEU A 232 -12.15 3.10 18.70
N GLY A 233 -12.13 2.66 17.44
CA GLY A 233 -12.23 3.57 16.29
C GLY A 233 -10.90 3.99 15.69
N PHE A 234 -9.85 3.22 15.96
CA PHE A 234 -8.51 3.52 15.45
C PHE A 234 -7.95 2.37 14.62
N LYS A 235 -7.09 2.71 13.66
CA LYS A 235 -6.31 1.71 12.95
C LYS A 235 -5.16 1.28 13.85
N PRO A 236 -5.10 -0.01 14.19
CA PRO A 236 -3.98 -0.50 14.98
C PRO A 236 -2.77 -0.85 14.11
N PHE A 237 -1.58 -0.76 14.71
CA PHE A 237 -0.34 -1.16 14.08
C PHE A 237 0.46 -1.97 15.10
N VAL A 238 1.40 -2.78 14.62
CA VAL A 238 2.19 -3.64 15.50
C VAL A 238 3.67 -3.25 15.43
N SER A 239 4.31 -3.12 16.59
CA SER A 239 5.73 -2.82 16.65
C SER A 239 6.53 -4.11 16.75
N GLY A 240 7.70 -4.13 16.11
CA GLY A 240 8.61 -5.29 16.11
C GLY A 240 7.92 -6.57 15.66
N SER A 241 8.12 -7.63 16.44
CA SER A 241 7.42 -8.89 16.22
C SER A 241 6.28 -9.03 17.22
N GLY A 242 5.67 -7.91 17.59
CA GLY A 242 4.77 -7.88 18.74
C GLY A 242 5.60 -7.86 20.00
N SER A 243 4.98 -7.74 21.18
CA SER A 243 3.53 -7.87 21.35
C SER A 243 2.77 -6.56 21.26
N THR A 244 3.48 -5.43 21.22
CA THR A 244 2.87 -4.10 21.30
C THR A 244 2.02 -3.73 20.09
N VAL A 245 0.80 -3.27 20.36
CA VAL A 245 -0.05 -2.64 19.38
C VAL A 245 -0.07 -1.14 19.66
N TYR A 246 0.07 -0.33 18.61
CA TYR A 246 -0.03 1.12 18.78
C TYR A 246 -1.06 1.75 17.84
N PHE A 247 -1.47 2.96 18.19
CA PHE A 247 -2.37 3.74 17.36
C PHE A 247 -2.11 5.24 17.50
N PHE A 248 -2.57 6.01 16.52
CA PHE A 248 -2.39 7.46 16.54
C PHE A 248 -3.62 8.14 17.16
N GLY A 249 -3.56 8.33 18.47
CA GLY A 249 -4.66 8.89 19.25
C GLY A 249 -4.38 8.71 20.74
N GLY A 250 -5.27 9.24 21.58
CA GLY A 250 -5.13 9.12 23.03
C GLY A 250 -5.94 7.96 23.60
N ALA A 251 -5.60 7.57 24.83
CA ALA A 251 -6.33 6.51 25.54
C ALA A 251 -7.61 7.02 26.20
N SER A 252 -8.72 6.35 25.92
CA SER A 252 -9.99 6.65 26.59
C SER A 252 -10.04 5.91 27.92
N GLU A 253 -10.97 6.32 28.79
CA GLU A 253 -11.21 5.62 30.05
C GLU A 253 -11.60 4.15 29.84
N GLU A 254 -12.36 3.88 28.78
CA GLU A 254 -12.73 2.50 28.45
C GLU A 254 -11.51 1.61 28.19
N LEU A 255 -10.56 2.10 27.39
CA LEU A 255 -9.30 1.39 27.13
C LEU A 255 -8.48 1.20 28.41
N LYS A 256 -8.35 2.26 29.19
CA LYS A 256 -7.65 2.17 30.47
C LYS A 256 -8.28 1.11 31.39
N LYS A 257 -9.62 1.08 31.41
CA LYS A 257 -10.37 0.06 32.16
C LYS A 257 -10.09 -1.35 31.63
N ALA A 258 -10.18 -1.51 30.32
CA ALA A 258 -9.89 -2.80 29.71
C ALA A 258 -8.46 -3.24 30.05
N ALA A 259 -7.52 -2.30 29.96
CA ALA A 259 -6.10 -2.56 30.25
C ALA A 259 -5.85 -2.98 31.69
N LYS A 260 -6.40 -2.22 32.64
CA LYS A 260 -6.40 -2.56 34.07
C LYS A 260 -6.88 -3.99 34.32
N MET A 261 -8.05 -4.33 33.77
CA MET A 261 -8.68 -5.64 33.96
C MET A 261 -7.90 -6.78 33.30
N ARG A 262 -7.34 -6.51 32.13
CA ARG A 262 -6.73 -7.56 31.32
C ARG A 262 -5.22 -7.67 31.52
N GLY A 263 -4.66 -6.70 32.23
CA GLY A 263 -3.24 -6.67 32.55
C GLY A 263 -2.41 -6.06 31.43
N TRP A 264 -3.03 -5.19 30.63
CA TRP A 264 -2.33 -4.50 29.55
C TRP A 264 -1.69 -3.23 30.07
N LYS A 265 -0.51 -2.92 29.55
CA LYS A 265 0.15 -1.65 29.84
C LYS A 265 -0.21 -0.62 28.75
N VAL A 266 -0.73 0.51 29.16
CA VAL A 266 -1.09 1.59 28.24
C VAL A 266 -0.10 2.74 28.38
N VAL A 267 0.57 3.07 27.28
CA VAL A 267 1.57 4.14 27.28
C VAL A 267 1.13 5.24 26.31
N GLU A 268 0.83 6.41 26.86
CA GLU A 268 0.43 7.57 26.07
C GLU A 268 1.63 8.47 25.81
N LEU A 269 1.92 8.70 24.53
CA LEU A 269 3.10 9.45 24.13
C LEU A 269 2.78 10.58 23.15
N GLU A 270 3.65 11.58 23.11
CA GLU A 270 3.54 12.68 22.16
C GLU A 270 4.81 12.77 21.34
N LEU A 271 4.68 12.75 20.01
CA LEU A 271 5.83 12.92 19.12
C LEU A 271 5.83 14.30 18.46
N SER B 2 -35.61 -8.76 -40.10
CA SER B 2 -34.50 -8.05 -39.40
C SER B 2 -33.13 -8.42 -39.97
N HIS B 3 -32.52 -7.47 -40.67
CA HIS B 3 -31.13 -7.58 -41.13
C HIS B 3 -30.22 -7.01 -40.04
N MET B 4 -30.74 -6.03 -39.30
CA MET B 4 -30.05 -5.37 -38.20
C MET B 4 -29.61 -6.36 -37.13
N ILE B 5 -28.35 -6.23 -36.70
CA ILE B 5 -27.87 -7.00 -35.55
C ILE B 5 -27.55 -6.10 -34.35
N LYS B 6 -27.75 -6.66 -33.16
CA LYS B 6 -27.48 -5.96 -31.91
C LYS B 6 -26.17 -6.40 -31.29
N VAL B 7 -25.38 -5.42 -30.86
CA VAL B 7 -24.11 -5.68 -30.16
C VAL B 7 -24.09 -4.91 -28.85
N LEU B 8 -23.78 -5.63 -27.77
CA LEU B 8 -23.55 -5.03 -26.46
C LEU B 8 -22.13 -4.48 -26.37
N SER B 9 -21.98 -3.31 -25.77
CA SER B 9 -20.68 -2.68 -25.57
C SER B 9 -20.48 -2.40 -24.06
N PRO B 10 -19.77 -3.29 -23.36
CA PRO B 10 -19.58 -3.17 -21.92
C PRO B 10 -18.57 -2.12 -21.50
N ALA B 11 -18.73 -1.61 -20.28
CA ALA B 11 -17.77 -0.72 -19.66
C ALA B 11 -16.69 -1.52 -18.92
N LYS B 12 -15.63 -0.81 -18.52
CA LYS B 12 -14.66 -1.38 -17.59
C LYS B 12 -14.49 -0.45 -16.41
N ILE B 13 -13.96 -0.99 -15.32
CA ILE B 13 -13.37 -0.17 -14.28
C ILE B 13 -11.92 -0.61 -14.11
N ASN B 14 -11.04 0.32 -13.76
CA ASN B 14 -9.69 -0.05 -13.34
C ASN B 14 -9.72 -0.37 -11.85
N LEU B 15 -9.38 -1.61 -11.52
CA LEU B 15 -9.21 -2.01 -10.14
C LEU B 15 -7.76 -1.72 -9.72
N GLY B 16 -7.41 -0.43 -9.75
CA GLY B 16 -6.04 -0.01 -9.50
C GLY B 16 -5.32 0.37 -10.78
N LEU B 17 -4.56 1.46 -10.70
CA LEU B 17 -3.72 1.93 -11.80
C LEU B 17 -2.47 2.60 -11.26
N TRP B 18 -1.34 2.29 -11.89
CA TRP B 18 -0.04 2.85 -11.54
C TRP B 18 0.64 3.35 -12.81
N VAL B 19 1.29 4.51 -12.69
CA VAL B 19 2.06 5.08 -13.79
C VAL B 19 3.53 4.82 -13.51
N LEU B 20 4.20 4.17 -14.47
CA LEU B 20 5.58 3.76 -14.32
C LEU B 20 6.59 4.76 -14.92
N GLY B 21 6.13 5.61 -15.84
CA GLY B 21 6.98 6.67 -16.40
C GLY B 21 6.55 7.18 -17.75
N ARG B 22 7.35 8.11 -18.29
CA ARG B 22 7.09 8.72 -19.58
C ARG B 22 7.88 8.01 -20.68
N LEU B 23 7.20 7.66 -21.77
CA LEU B 23 7.82 7.01 -22.91
C LEU B 23 8.29 8.07 -23.92
N PRO B 24 9.20 7.69 -24.85
CA PRO B 24 9.69 8.61 -25.88
C PRO B 24 8.57 9.27 -26.69
N SER B 25 7.47 8.54 -26.91
CA SER B 25 6.32 9.02 -27.67
C SER B 25 5.55 10.14 -26.95
N GLY B 26 5.79 10.27 -25.65
CA GLY B 26 5.05 11.25 -24.84
C GLY B 26 3.91 10.60 -24.07
N TYR B 27 3.60 9.37 -24.43
CA TYR B 27 2.63 8.56 -23.68
C TYR B 27 3.29 8.06 -22.40
N HIS B 28 2.47 7.46 -21.53
CA HIS B 28 2.95 6.97 -20.25
C HIS B 28 2.83 5.46 -20.18
N GLU B 29 3.81 4.83 -19.53
CA GLU B 29 3.74 3.41 -19.24
C GLU B 29 2.95 3.22 -17.95
N ILE B 30 2.01 2.28 -17.99
CA ILE B 30 1.15 2.03 -16.85
C ILE B 30 1.11 0.55 -16.49
N LEU B 31 0.63 0.29 -15.29
CA LEU B 31 0.18 -1.03 -14.88
C LEU B 31 -1.24 -0.86 -14.35
N THR B 32 -2.14 -1.77 -14.74
CA THR B 32 -3.52 -1.69 -14.31
C THR B 32 -4.21 -3.04 -14.26
N LEU B 33 -5.26 -3.13 -13.45
CA LEU B 33 -6.13 -4.31 -13.43
C LEU B 33 -7.50 -3.94 -14.01
N TYR B 34 -7.76 -4.43 -15.24
CA TYR B 34 -9.03 -4.20 -15.94
C TYR B 34 -10.13 -5.16 -15.46
N GLN B 35 -11.31 -4.62 -15.22
CA GLN B 35 -12.48 -5.44 -14.92
C GLN B 35 -13.68 -5.03 -15.78
N GLU B 36 -14.16 -5.96 -16.60
CA GLU B 36 -15.36 -5.77 -17.39
C GLU B 36 -16.59 -5.79 -16.48
N ILE B 37 -17.45 -4.78 -16.61
CA ILE B 37 -18.65 -4.68 -15.78
C ILE B 37 -19.93 -4.70 -16.63
N PRO B 38 -21.02 -5.29 -16.09
CA PRO B 38 -22.28 -5.36 -16.83
C PRO B 38 -23.03 -4.02 -16.87
N PHE B 39 -22.47 -3.08 -17.61
CA PHE B 39 -23.00 -1.74 -17.82
C PHE B 39 -22.70 -1.47 -19.30
N TYR B 40 -23.76 -1.33 -20.09
CA TYR B 40 -23.66 -1.48 -21.54
C TYR B 40 -24.14 -0.28 -22.35
N ASP B 41 -23.38 0.06 -23.38
CA ASP B 41 -23.90 0.78 -24.54
C ASP B 41 -24.59 -0.25 -25.44
N GLU B 42 -25.60 0.21 -26.18
CA GLU B 42 -26.30 -0.64 -27.14
C GLU B 42 -25.95 -0.21 -28.56
N ILE B 43 -25.59 -1.20 -29.40
CA ILE B 43 -25.18 -0.87 -30.75
C ILE B 43 -26.00 -1.60 -31.83
N TYR B 44 -26.60 -0.81 -32.71
CA TYR B 44 -27.35 -1.30 -33.85
C TYR B 44 -26.45 -1.29 -35.08
N ILE B 45 -26.23 -2.47 -35.66
CA ILE B 45 -25.45 -2.56 -36.88
C ILE B 45 -26.37 -2.93 -38.05
N ARG B 46 -26.47 -2.00 -39.00
CA ARG B 46 -27.33 -2.15 -40.17
C ARG B 46 -26.49 -2.06 -41.44
N GLU B 47 -26.98 -2.66 -42.52
CA GLU B 47 -26.34 -2.53 -43.81
C GLU B 47 -26.73 -1.20 -44.42
N GLY B 48 -25.75 -0.50 -45.00
CA GLY B 48 -25.99 0.82 -45.57
C GLY B 48 -24.68 1.53 -45.86
N VAL B 49 -24.76 2.84 -46.12
CA VAL B 49 -23.57 3.66 -46.31
C VAL B 49 -22.83 3.77 -44.96
N LEU B 50 -21.50 3.75 -45.01
CA LEU B 50 -20.66 3.89 -43.82
C LEU B 50 -21.06 5.12 -43.01
N ARG B 51 -21.69 4.87 -41.87
CA ARG B 51 -22.23 5.92 -41.01
C ARG B 51 -22.08 5.50 -39.56
N VAL B 52 -21.62 6.42 -38.72
CA VAL B 52 -21.56 6.19 -37.27
C VAL B 52 -22.30 7.30 -36.53
N GLU B 53 -23.43 6.96 -35.92
CA GLU B 53 -24.29 7.91 -35.20
CA GLU B 53 -24.22 7.93 -35.18
C GLU B 53 -24.45 7.53 -33.72
N THR B 54 -24.66 8.53 -32.87
CA THR B 54 -24.99 8.30 -31.46
C THR B 54 -26.30 9.01 -31.09
N ASN B 55 -26.74 8.79 -29.86
CA ASN B 55 -27.92 9.48 -29.34
C ASN B 55 -27.57 10.69 -28.47
N ILE B 56 -26.31 11.13 -28.52
CA ILE B 56 -25.84 12.25 -27.68
C ILE B 56 -25.03 13.31 -28.43
N GLY B 57 -24.96 13.19 -29.75
CA GLY B 57 -24.32 14.21 -30.59
C GLY B 57 -22.80 14.16 -30.70
N ILE B 58 -22.20 12.99 -30.46
CA ILE B 58 -20.79 12.81 -30.78
C ILE B 58 -20.64 12.91 -32.31
N PRO B 59 -19.83 13.87 -32.79
CA PRO B 59 -19.61 14.03 -34.24
C PRO B 59 -18.98 12.77 -34.84
N GLN B 60 -19.44 12.38 -36.03
CA GLN B 60 -18.97 11.17 -36.70
C GLN B 60 -17.45 11.16 -36.88
N GLU B 61 -16.89 12.29 -37.30
CA GLU B 61 -15.44 12.41 -37.52
C GLU B 61 -14.61 12.21 -36.25
N GLU B 62 -15.20 12.50 -35.10
CA GLU B 62 -14.55 12.34 -33.80
C GLU B 62 -14.75 10.94 -33.21
N ASN B 63 -15.77 10.22 -33.70
CA ASN B 63 -16.13 8.91 -33.16
C ASN B 63 -15.06 7.85 -33.45
N LEU B 64 -14.59 7.20 -32.38
CA LEU B 64 -13.56 6.16 -32.47
C LEU B 64 -13.95 4.99 -33.36
N VAL B 65 -15.24 4.64 -33.36
CA VAL B 65 -15.77 3.59 -34.22
C VAL B 65 -15.57 3.97 -35.70
N TYR B 66 -15.92 5.21 -36.03
CA TYR B 66 -15.70 5.76 -37.37
C TYR B 66 -14.22 5.80 -37.75
N LYS B 67 -13.36 6.22 -36.82
CA LYS B 67 -11.91 6.22 -37.04
C LYS B 67 -11.37 4.80 -37.23
N GLY B 68 -11.97 3.84 -36.52
CA GLY B 68 -11.61 2.43 -36.66
C GLY B 68 -12.04 1.80 -37.96
N LEU B 69 -13.26 2.14 -38.40
CA LEU B 69 -13.81 1.59 -39.64
C LEU B 69 -13.12 2.15 -40.88
N ARG B 70 -12.76 3.43 -40.83
CA ARG B 70 -11.99 4.08 -41.89
C ARG B 70 -10.56 3.52 -41.99
N GLU B 71 -9.97 3.22 -40.83
CA GLU B 71 -8.65 2.58 -40.77
C GLU B 71 -8.73 1.13 -41.24
N PHE B 72 -9.82 0.44 -40.88
CA PHE B 72 -10.11 -0.91 -41.34
C PHE B 72 -10.10 -0.94 -42.88
N GLU B 73 -10.77 0.03 -43.50
CA GLU B 73 -10.81 0.18 -44.96
C GLU B 73 -9.42 0.35 -45.56
N ARG B 74 -8.64 1.28 -44.99
CA ARG B 74 -7.29 1.59 -45.46
C ARG B 74 -6.38 0.36 -45.47
N ILE B 75 -6.40 -0.40 -44.38
CA ILE B 75 -5.55 -1.58 -44.21
C ILE B 75 -5.99 -2.75 -45.09
N THR B 76 -7.30 -2.99 -45.14
CA THR B 76 -7.84 -4.20 -45.75
C THR B 76 -8.24 -4.02 -47.23
N GLY B 77 -8.43 -2.76 -47.64
CA GLY B 77 -8.88 -2.45 -49.00
C GLY B 77 -10.39 -2.56 -49.21
N ILE B 78 -11.04 -3.35 -48.37
CA ILE B 78 -12.48 -3.62 -48.44
C ILE B 78 -13.34 -2.38 -48.13
N GLU B 79 -14.45 -2.24 -48.85
CA GLU B 79 -15.42 -1.17 -48.60
C GLU B 79 -16.35 -1.55 -47.45
N ILE B 80 -16.43 -0.67 -46.45
CA ILE B 80 -17.36 -0.88 -45.34
C ILE B 80 -18.71 -0.27 -45.67
N ASN B 81 -19.70 -1.14 -45.81
CA ASN B 81 -21.07 -0.72 -46.07
C ASN B 81 -21.95 -1.14 -44.89
N TYR B 82 -21.72 -0.48 -43.75
CA TYR B 82 -22.47 -0.72 -42.52
C TYR B 82 -22.78 0.59 -41.81
N SER B 83 -24.05 0.78 -41.46
CA SER B 83 -24.48 1.92 -40.65
C SER B 83 -24.52 1.54 -39.17
N ILE B 84 -23.84 2.34 -38.35
CA ILE B 84 -23.75 2.11 -36.92
C ILE B 84 -24.54 3.16 -36.14
N PHE B 85 -25.45 2.71 -35.28
CA PHE B 85 -26.05 3.59 -34.30
C PHE B 85 -25.70 3.13 -32.88
N ILE B 86 -25.17 4.05 -32.08
CA ILE B 86 -24.78 3.76 -30.70
C ILE B 86 -25.69 4.46 -29.70
N GLN B 87 -26.32 3.67 -28.84
CA GLN B 87 -27.03 4.21 -27.68
CA GLN B 87 -27.03 4.18 -27.68
C GLN B 87 -26.04 4.32 -26.54
N LYS B 88 -25.69 5.56 -26.21
CA LYS B 88 -24.65 5.84 -25.22
C LYS B 88 -25.19 5.95 -23.79
N ASN B 89 -25.06 4.85 -23.04
CA ASN B 89 -25.40 4.82 -21.62
C ASN B 89 -24.17 5.09 -20.73
N ILE B 90 -23.00 4.68 -21.22
CA ILE B 90 -21.72 4.92 -20.55
C ILE B 90 -21.24 6.36 -20.85
N PRO B 91 -21.34 7.27 -19.86
CA PRO B 91 -21.02 8.67 -20.13
C PRO B 91 -19.59 8.89 -20.66
N PRO B 92 -19.42 9.74 -21.68
CA PRO B 92 -18.08 10.09 -22.13
C PRO B 92 -17.35 10.86 -21.05
N GLY B 93 -16.13 10.43 -20.74
CA GLY B 93 -15.31 11.07 -19.72
C GLY B 93 -15.59 10.56 -18.33
N ALA B 94 -16.23 9.39 -18.25
CA ALA B 94 -16.49 8.74 -16.97
C ALA B 94 -15.34 7.85 -16.50
N GLY B 95 -14.37 7.59 -17.39
CA GLY B 95 -13.22 6.74 -17.06
C GLY B 95 -13.53 5.27 -17.15
N LEU B 96 -14.59 4.95 -17.90
CA LEU B 96 -15.12 3.59 -17.99
C LEU B 96 -14.89 2.96 -19.36
N GLY B 97 -14.14 3.64 -20.21
CA GLY B 97 -13.72 3.13 -21.51
C GLY B 97 -14.84 2.91 -22.51
N GLY B 98 -15.87 3.77 -22.46
CA GLY B 98 -17.03 3.65 -23.34
C GLY B 98 -16.71 3.65 -24.83
N GLY B 99 -15.97 4.65 -25.29
CA GLY B 99 -15.52 4.75 -26.68
C GLY B 99 -14.61 3.61 -27.14
N SER B 100 -13.69 3.21 -26.26
CA SER B 100 -12.78 2.09 -26.50
C SER B 100 -13.53 0.78 -26.64
N SER B 101 -14.56 0.62 -25.81
CA SER B 101 -15.44 -0.54 -25.88
C SER B 101 -16.16 -0.56 -27.22
N ASN B 102 -16.75 0.59 -27.57
CA ASN B 102 -17.48 0.77 -28.82
C ASN B 102 -16.64 0.37 -30.03
N LEU B 103 -15.42 0.91 -30.08
CA LEU B 103 -14.46 0.62 -31.15
C LEU B 103 -14.17 -0.87 -31.24
N ALA B 104 -13.83 -1.48 -30.10
CA ALA B 104 -13.48 -2.89 -30.06
C ALA B 104 -14.62 -3.79 -30.54
N VAL B 105 -15.82 -3.62 -29.98
CA VAL B 105 -16.92 -4.54 -30.27
C VAL B 105 -17.49 -4.41 -31.68
N VAL B 106 -17.52 -3.18 -32.20
CA VAL B 106 -18.00 -2.96 -33.57
C VAL B 106 -17.02 -3.54 -34.59
N LEU B 107 -15.75 -3.24 -34.43
CA LEU B 107 -14.73 -3.70 -35.37
C LEU B 107 -14.46 -5.21 -35.30
N LYS B 108 -14.68 -5.82 -34.15
CA LYS B 108 -14.64 -7.27 -34.03
C LYS B 108 -15.77 -7.91 -34.86
N LYS B 109 -16.96 -7.32 -34.74
CA LYS B 109 -18.15 -7.82 -35.44
C LYS B 109 -18.05 -7.63 -36.95
N VAL B 110 -17.67 -6.42 -37.38
CA VAL B 110 -17.55 -6.07 -38.79
C VAL B 110 -16.50 -6.94 -39.48
N ASN B 111 -15.38 -7.18 -38.79
CA ASN B 111 -14.37 -8.13 -39.22
C ASN B 111 -14.99 -9.51 -39.47
N GLU B 112 -15.72 -10.02 -38.46
CA GLU B 112 -16.39 -11.32 -38.53
C GLU B 112 -17.47 -11.41 -39.61
N LEU B 113 -18.18 -10.31 -39.86
CA LEU B 113 -19.23 -10.27 -40.88
C LEU B 113 -18.64 -10.29 -42.29
N LEU B 114 -17.40 -9.80 -42.42
CA LEU B 114 -16.74 -9.70 -43.72
C LEU B 114 -15.75 -10.84 -43.98
N GLY B 115 -15.94 -11.95 -43.28
CA GLY B 115 -15.13 -13.15 -43.47
C GLY B 115 -13.78 -13.13 -42.77
N SER B 116 -13.67 -12.27 -41.76
CA SER B 116 -12.46 -12.13 -40.93
C SER B 116 -11.15 -11.90 -41.71
N PRO B 117 -11.09 -10.82 -42.51
CA PRO B 117 -9.86 -10.45 -43.23
C PRO B 117 -8.68 -10.14 -42.29
N LEU B 118 -8.97 -9.58 -41.12
CA LEU B 118 -7.95 -9.35 -40.10
C LEU B 118 -7.86 -10.54 -39.16
N SER B 119 -6.63 -10.92 -38.82
CA SER B 119 -6.39 -11.92 -37.78
C SER B 119 -6.56 -11.26 -36.42
N GLU B 120 -6.61 -12.07 -35.37
CA GLU B 120 -6.73 -11.59 -33.98
C GLU B 120 -5.66 -10.54 -33.66
N GLU B 121 -4.42 -10.83 -34.07
CA GLU B 121 -3.28 -9.93 -33.91
C GLU B 121 -3.48 -8.61 -34.66
N GLU B 122 -3.94 -8.71 -35.90
CA GLU B 122 -4.13 -7.56 -36.76
C GLU B 122 -5.27 -6.64 -36.28
N LEU B 123 -6.34 -7.25 -35.79
CA LEU B 123 -7.48 -6.53 -35.22
C LEU B 123 -7.10 -5.87 -33.89
N ARG B 124 -6.40 -6.61 -33.03
CA ARG B 124 -5.92 -6.10 -31.74
C ARG B 124 -5.03 -4.87 -31.93
N GLU B 125 -4.08 -4.94 -32.84
CA GLU B 125 -3.17 -3.83 -33.10
C GLU B 125 -3.85 -2.63 -33.75
N LEU B 126 -4.86 -2.89 -34.59
CA LEU B 126 -5.66 -1.83 -35.22
C LEU B 126 -6.40 -0.97 -34.19
N VAL B 127 -7.12 -1.61 -33.28
CA VAL B 127 -7.89 -0.88 -32.25
C VAL B 127 -6.96 -0.23 -31.21
N GLY B 128 -5.82 -0.86 -30.97
CA GLY B 128 -4.80 -0.36 -30.05
C GLY B 128 -4.13 0.92 -30.51
N SER B 129 -3.99 1.07 -31.83
CA SER B 129 -3.42 2.27 -32.41
C SER B 129 -4.32 3.49 -32.22
N ILE B 130 -5.60 3.25 -31.97
CA ILE B 130 -6.59 4.31 -31.77
C ILE B 130 -6.83 4.58 -30.28
N SER B 131 -6.94 3.52 -29.48
CA SER B 131 -7.08 3.61 -28.03
C SER B 131 -6.44 2.41 -27.33
N ALA B 132 -5.67 2.69 -26.27
CA ALA B 132 -4.98 1.62 -25.51
C ALA B 132 -5.91 0.73 -24.68
N ASP B 133 -7.07 1.26 -24.30
CA ASP B 133 -8.11 0.50 -23.58
C ASP B 133 -8.88 -0.48 -24.46
N ALA B 134 -8.90 -0.21 -25.77
CA ALA B 134 -9.69 -1.01 -26.72
C ALA B 134 -9.33 -2.51 -26.77
N PRO B 135 -8.02 -2.87 -26.83
CA PRO B 135 -7.67 -4.30 -26.83
C PRO B 135 -8.23 -5.11 -25.68
N PHE B 136 -8.39 -4.51 -24.49
CA PHE B 136 -9.01 -5.21 -23.35
C PHE B 136 -10.42 -5.69 -23.66
N PHE B 137 -11.17 -4.89 -24.40
CA PHE B 137 -12.56 -5.22 -24.73
C PHE B 137 -12.70 -6.32 -25.78
N LEU B 138 -11.58 -6.72 -26.39
CA LEU B 138 -11.53 -7.92 -27.23
C LEU B 138 -11.35 -9.16 -26.37
N LEU B 139 -11.00 -8.94 -25.10
CA LEU B 139 -10.83 -10.01 -24.12
C LEU B 139 -11.98 -10.08 -23.13
N GLY B 140 -12.31 -8.93 -22.53
CA GLY B 140 -13.29 -8.88 -21.44
C GLY B 140 -12.81 -9.56 -20.17
N LYS B 141 -13.75 -9.79 -19.26
CA LYS B 141 -13.50 -10.42 -17.95
C LYS B 141 -12.45 -9.67 -17.10
N SER B 142 -11.42 -10.37 -16.63
CA SER B 142 -10.36 -9.77 -15.84
C SER B 142 -9.01 -9.89 -16.53
N ALA B 143 -8.29 -8.77 -16.59
CA ALA B 143 -6.95 -8.76 -17.18
C ALA B 143 -6.04 -7.69 -16.57
N ILE B 144 -4.77 -8.07 -16.36
CA ILE B 144 -3.71 -7.12 -16.06
C ILE B 144 -3.29 -6.47 -17.37
N GLY B 145 -3.30 -5.15 -17.41
CA GLY B 145 -2.85 -4.41 -18.59
C GLY B 145 -1.47 -3.83 -18.37
N ARG B 146 -0.55 -4.16 -19.27
CA ARG B 146 0.83 -3.67 -19.22
C ARG B 146 1.17 -2.85 -20.48
N GLY B 147 2.37 -2.28 -20.51
CA GLY B 147 2.76 -1.33 -21.56
C GLY B 147 1.99 -0.03 -21.37
N LYS B 148 1.13 0.29 -22.33
CA LYS B 148 0.17 1.38 -22.17
C LYS B 148 -1.22 0.84 -21.81
N GLY B 149 -1.30 -0.47 -21.62
CA GLY B 149 -2.54 -1.16 -21.28
C GLY B 149 -2.89 -2.23 -22.30
N GLU B 150 -2.30 -2.10 -23.49
CA GLU B 150 -2.61 -2.98 -24.63
C GLU B 150 -2.03 -4.40 -24.51
N VAL B 151 -1.07 -4.58 -23.60
CA VAL B 151 -0.41 -5.87 -23.37
C VAL B 151 -1.10 -6.53 -22.18
N LEU B 152 -1.86 -7.59 -22.45
CA LEU B 152 -2.84 -8.09 -21.48
C LEU B 152 -2.59 -9.51 -20.98
N GLU B 153 -2.73 -9.68 -19.66
CA GLU B 153 -2.65 -10.97 -19.02
C GLU B 153 -3.97 -11.29 -18.32
N PRO B 154 -4.80 -12.17 -18.92
CA PRO B 154 -6.01 -12.68 -18.27
C PRO B 154 -5.73 -13.27 -16.90
N VAL B 155 -6.52 -12.87 -15.91
CA VAL B 155 -6.41 -13.39 -14.55
C VAL B 155 -7.77 -13.72 -13.96
N GLU B 156 -7.78 -14.61 -12.97
CA GLU B 156 -8.96 -14.87 -12.16
C GLU B 156 -8.78 -14.17 -10.83
N THR B 157 -9.66 -13.23 -10.52
CA THR B 157 -9.63 -12.52 -9.25
C THR B 157 -10.49 -13.22 -8.20
N GLU B 158 -10.26 -12.88 -6.94
CA GLU B 158 -11.09 -13.38 -5.85
C GLU B 158 -12.05 -12.29 -5.40
N ILE B 159 -12.38 -11.40 -6.33
CA ILE B 159 -13.25 -10.26 -6.09
C ILE B 159 -14.68 -10.62 -6.52
N SER B 160 -15.61 -10.55 -5.58
CA SER B 160 -17.02 -10.78 -5.85
C SER B 160 -17.89 -9.81 -5.06
N GLY B 161 -19.20 -9.86 -5.30
CA GLY B 161 -20.16 -9.07 -4.54
C GLY B 161 -20.56 -7.78 -5.23
N LYS B 162 -21.04 -6.84 -4.43
CA LYS B 162 -21.61 -5.59 -4.94
C LYS B 162 -20.55 -4.51 -5.20
N ILE B 163 -20.72 -3.81 -6.32
CA ILE B 163 -19.92 -2.64 -6.66
C ILE B 163 -20.88 -1.56 -7.15
N THR B 164 -20.77 -0.38 -6.56
CA THR B 164 -21.61 0.73 -6.95
C THR B 164 -20.77 1.82 -7.60
N LEU B 165 -21.19 2.26 -8.78
CA LEU B 165 -20.57 3.39 -9.45
C LEU B 165 -21.37 4.62 -9.08
N VAL B 166 -20.66 5.71 -8.81
CA VAL B 166 -21.29 7.01 -8.66
C VAL B 166 -20.61 7.95 -9.65
N ILE B 167 -21.33 8.25 -10.73
CA ILE B 167 -20.78 9.02 -11.83
C ILE B 167 -21.24 10.47 -11.76
N PRO B 168 -20.29 11.40 -11.57
CA PRO B 168 -20.65 12.81 -11.54
C PRO B 168 -20.92 13.33 -12.95
N GLN B 169 -21.46 14.55 -13.04
CA GLN B 169 -21.77 15.14 -14.33
C GLN B 169 -20.52 15.46 -15.15
N VAL B 170 -19.53 16.05 -14.47
CA VAL B 170 -18.28 16.49 -15.12
C VAL B 170 -17.62 15.38 -15.96
N SER B 171 -17.28 15.73 -17.20
CA SER B 171 -16.60 14.81 -18.11
C SER B 171 -15.10 15.07 -18.02
N SER B 172 -14.38 14.11 -17.45
CA SER B 172 -12.94 14.21 -17.27
C SER B 172 -12.17 13.99 -18.58
N SER B 173 -11.23 14.88 -18.85
CA SER B 173 -10.31 14.74 -19.99
C SER B 173 -9.13 13.87 -19.60
N THR B 174 -8.96 12.75 -20.32
CA THR B 174 -7.84 11.84 -20.09
C THR B 174 -6.51 12.54 -20.37
N GLY B 175 -6.47 13.33 -21.44
CA GLY B 175 -5.30 14.10 -21.84
C GLY B 175 -4.84 15.08 -20.77
N ARG B 176 -5.78 15.84 -20.23
CA ARG B 176 -5.49 16.83 -19.19
C ARG B 176 -4.95 16.20 -17.90
N VAL B 177 -5.52 15.05 -17.53
CA VAL B 177 -5.11 14.33 -16.33
C VAL B 177 -3.66 13.82 -16.45
N TYR B 178 -3.34 13.17 -17.56
CA TYR B 178 -1.99 12.68 -17.85
C TYR B 178 -0.95 13.80 -17.97
N SER B 179 -1.37 14.97 -18.42
CA SER B 179 -0.48 16.13 -18.54
C SER B 179 -0.12 16.75 -17.19
N SER B 180 -0.95 16.50 -16.17
CA SER B 180 -0.69 16.98 -14.81
C SER B 180 0.18 16.02 -14.00
N LEU B 181 0.67 14.98 -14.66
CA LEU B 181 1.48 13.92 -14.04
C LEU B 181 2.89 14.46 -13.79
N ARG B 182 3.38 14.24 -12.58
CA ARG B 182 4.70 14.68 -12.15
C ARG B 182 5.51 13.50 -11.63
N GLU B 183 6.79 13.71 -11.40
CA GLU B 183 7.70 12.65 -10.94
C GLU B 183 7.24 11.96 -9.65
N GLU B 184 6.68 12.73 -8.71
CA GLU B 184 6.17 12.19 -7.44
CA GLU B 184 6.08 13.02 -6.34
C GLU B 184 5.04 11.17 -7.62
N HIS B 185 4.41 11.17 -8.79
CA HIS B 185 3.31 10.29 -9.11
C HIS B 185 3.76 8.91 -9.59
N PHE B 186 4.98 8.81 -10.11
CA PHE B 186 5.49 7.54 -10.64
C PHE B 186 5.90 6.55 -9.55
N VAL B 187 5.70 5.27 -9.83
CA VAL B 187 6.17 4.20 -8.96
C VAL B 187 6.94 3.20 -9.81
N THR B 188 7.69 2.31 -9.16
CA THR B 188 8.36 1.20 -9.82
C THR B 188 7.35 0.10 -10.23
N PRO B 189 7.69 -0.67 -11.28
CA PRO B 189 6.82 -1.80 -11.62
C PRO B 189 6.71 -2.84 -10.49
N GLU B 190 7.78 -3.06 -9.74
CA GLU B 190 7.79 -4.02 -8.64
C GLU B 190 6.82 -3.64 -7.52
N TYR B 191 6.74 -2.35 -7.20
CA TYR B 191 5.74 -1.85 -6.26
C TYR B 191 4.31 -2.13 -6.76
N ALA B 192 4.04 -1.72 -8.00
CA ALA B 192 2.72 -1.90 -8.61
C ALA B 192 2.33 -3.38 -8.73
N GLU B 193 3.28 -4.24 -9.07
CA GLU B 193 3.03 -5.68 -9.18
CA GLU B 193 3.02 -5.68 -9.19
C GLU B 193 2.56 -6.29 -7.86
N GLU B 194 3.20 -5.88 -6.76
CA GLU B 194 2.82 -6.36 -5.42
C GLU B 194 1.39 -5.93 -5.05
N LYS B 195 1.06 -4.67 -5.31
CA LYS B 195 -0.29 -4.16 -5.10
C LYS B 195 -1.32 -4.98 -5.88
N ILE B 196 -1.05 -5.16 -7.18
CA ILE B 196 -1.95 -5.86 -8.08
C ILE B 196 -2.20 -7.33 -7.67
N GLN B 197 -1.15 -8.01 -7.23
CA GLN B 197 -1.29 -9.39 -6.74
C GLN B 197 -2.17 -9.47 -5.50
N ARG B 198 -2.06 -8.48 -4.61
CA ARG B 198 -2.93 -8.40 -3.44
C ARG B 198 -4.41 -8.17 -3.80
N ILE B 199 -4.66 -7.22 -4.71
CA ILE B 199 -6.01 -6.93 -5.21
C ILE B 199 -6.65 -8.17 -5.87
N ILE B 200 -5.91 -8.86 -6.74
CA ILE B 200 -6.37 -10.10 -7.36
C ILE B 200 -6.78 -11.15 -6.32
N SER B 201 -6.01 -11.23 -5.22
CA SER B 201 -6.33 -12.12 -4.10
C SER B 201 -7.59 -11.70 -3.32
N GLY B 202 -8.15 -10.55 -3.67
CA GLY B 202 -9.38 -10.06 -3.04
C GLY B 202 -9.18 -8.94 -2.04
N GLU B 203 -7.95 -8.43 -1.93
CA GLU B 203 -7.65 -7.35 -1.00
C GLU B 203 -7.90 -5.99 -1.66
N VAL B 204 -9.18 -5.66 -1.81
CA VAL B 204 -9.64 -4.47 -2.54
C VAL B 204 -9.27 -3.13 -1.89
N GLU B 205 -8.97 -3.14 -0.58
CA GLU B 205 -8.48 -1.94 0.10
C GLU B 205 -7.13 -1.48 -0.47
N GLU B 206 -6.42 -2.38 -1.14
CA GLU B 206 -5.12 -2.09 -1.77
C GLU B 206 -5.22 -1.37 -3.12
N ILE B 207 -6.43 -1.20 -3.63
CA ILE B 207 -6.64 -0.39 -4.85
C ILE B 207 -6.23 1.06 -4.60
N GLU B 208 -5.54 1.63 -5.57
CA GLU B 208 -5.22 3.05 -5.61
C GLU B 208 -5.03 3.47 -7.07
N ASN B 209 -5.02 4.77 -7.31
CA ASN B 209 -4.98 5.30 -8.66
C ASN B 209 -4.59 6.77 -8.64
N VAL B 210 -3.33 7.03 -8.99
CA VAL B 210 -2.79 8.39 -9.00
C VAL B 210 -3.50 9.32 -10.01
N LEU B 211 -4.04 8.74 -11.08
CA LEU B 211 -4.83 9.51 -12.05
C LEU B 211 -6.12 10.04 -11.43
N GLY B 212 -6.67 9.29 -10.47
CA GLY B 212 -7.82 9.73 -9.68
C GLY B 212 -7.50 10.82 -8.66
N ASP B 213 -6.29 10.79 -8.09
CA ASP B 213 -5.78 11.85 -7.21
C ASP B 213 -5.77 13.17 -7.96
N ILE B 214 -5.24 13.13 -9.18
CA ILE B 214 -5.12 14.28 -10.06
C ILE B 214 -6.48 14.80 -10.51
N ALA B 215 -7.35 13.90 -10.97
CA ALA B 215 -8.71 14.22 -11.41
C ALA B 215 -9.52 14.92 -10.30
N ARG B 216 -9.33 14.48 -9.06
CA ARG B 216 -10.00 15.09 -7.91
C ARG B 216 -9.59 16.55 -7.67
N GLU B 217 -8.36 16.88 -8.06
CA GLU B 217 -7.85 18.26 -7.96
C GLU B 217 -8.26 19.12 -9.15
N LEU B 218 -8.36 18.51 -10.34
CA LEU B 218 -8.75 19.24 -11.54
C LEU B 218 -10.26 19.50 -11.58
N TYR B 219 -11.05 18.50 -11.16
CA TYR B 219 -12.50 18.58 -11.20
C TYR B 219 -13.12 18.35 -9.81
N PRO B 220 -13.36 19.45 -9.05
CA PRO B 220 -13.93 19.43 -7.69
C PRO B 220 -15.16 18.52 -7.47
N GLU B 221 -15.99 18.34 -8.49
CA GLU B 221 -17.18 17.48 -8.40
C GLU B 221 -16.84 16.00 -8.19
N ILE B 222 -15.69 15.56 -8.72
CA ILE B 222 -15.18 14.21 -8.46
C ILE B 222 -14.80 14.09 -6.97
N ASN B 223 -14.12 15.10 -6.45
CA ASN B 223 -13.75 15.14 -5.03
C ASN B 223 -14.97 15.16 -4.12
N GLU B 224 -16.00 15.91 -4.53
CA GLU B 224 -17.29 15.96 -3.84
C GLU B 224 -17.94 14.57 -3.75
N VAL B 225 -17.93 13.82 -4.85
CA VAL B 225 -18.45 12.44 -4.84
C VAL B 225 -17.58 11.55 -3.95
N TYR B 226 -16.27 11.69 -4.11
CA TYR B 226 -15.30 10.92 -3.31
C TYR B 226 -15.52 11.10 -1.80
N ARG B 227 -15.57 12.36 -1.35
CA ARG B 227 -15.82 12.68 0.06
C ARG B 227 -17.19 12.19 0.55
N PHE B 228 -18.20 12.27 -0.32
CA PHE B 228 -19.53 11.77 0.03
C PHE B 228 -19.56 10.27 0.28
N VAL B 229 -18.91 9.50 -0.59
CA VAL B 229 -18.78 8.05 -0.41
C VAL B 229 -18.09 7.72 0.93
N GLU B 230 -17.03 8.49 1.25
CA GLU B 230 -16.36 8.40 2.55
C GLU B 230 -17.34 8.70 3.68
N TYR B 231 -18.09 9.79 3.55
CA TYR B 231 -19.14 10.17 4.51
C TYR B 231 -20.11 9.01 4.77
N LEU B 232 -20.42 8.25 3.73
CA LEU B 232 -21.35 7.13 3.83
C LEU B 232 -20.74 5.91 4.54
N GLY B 233 -19.43 5.93 4.74
CA GLY B 233 -18.73 4.85 5.44
C GLY B 233 -18.10 3.80 4.55
N PHE B 234 -17.96 4.12 3.26
CA PHE B 234 -17.29 3.23 2.32
C PHE B 234 -15.97 3.85 1.86
N LYS B 235 -15.01 3.00 1.53
CA LYS B 235 -13.78 3.45 0.92
C LYS B 235 -14.03 3.65 -0.58
N PRO B 236 -13.83 4.89 -1.07
CA PRO B 236 -14.03 5.16 -2.48
C PRO B 236 -12.77 4.91 -3.32
N PHE B 237 -12.98 4.51 -4.56
CA PHE B 237 -11.90 4.35 -5.54
C PHE B 237 -12.31 5.05 -6.83
N VAL B 238 -11.34 5.31 -7.69
CA VAL B 238 -11.60 6.04 -8.94
C VAL B 238 -11.18 5.19 -10.16
N SER B 239 -12.06 5.13 -11.15
CA SER B 239 -11.78 4.42 -12.40
C SER B 239 -11.11 5.36 -13.41
N GLY B 240 -10.20 4.81 -14.22
CA GLY B 240 -9.52 5.57 -15.27
C GLY B 240 -8.92 6.88 -14.78
N SER B 241 -9.15 7.93 -15.55
CA SER B 241 -8.71 9.26 -15.17
C SER B 241 -9.89 10.07 -14.60
N GLY B 242 -10.78 9.38 -13.90
CA GLY B 242 -12.06 9.96 -13.51
C GLY B 242 -13.01 9.92 -14.70
N SER B 243 -14.27 10.26 -14.51
CA SER B 243 -14.82 10.86 -13.29
C SER B 243 -15.40 9.89 -12.28
N THR B 244 -15.67 8.66 -12.71
CA THR B 244 -16.40 7.70 -11.90
C THR B 244 -15.68 7.30 -10.60
N VAL B 245 -16.43 7.41 -9.51
CA VAL B 245 -16.02 6.92 -8.21
C VAL B 245 -16.85 5.68 -7.97
N TYR B 246 -16.22 4.59 -7.54
CA TYR B 246 -16.93 3.38 -7.18
C TYR B 246 -16.58 2.92 -5.77
N PHE B 247 -17.43 2.06 -5.22
CA PHE B 247 -17.16 1.43 -3.92
C PHE B 247 -17.76 0.04 -3.85
N PHE B 248 -17.25 -0.78 -2.92
CA PHE B 248 -17.76 -2.14 -2.72
C PHE B 248 -18.87 -2.17 -1.67
N GLY B 249 -20.10 -2.38 -2.14
CA GLY B 249 -21.28 -2.34 -1.30
C GLY B 249 -22.44 -1.80 -2.11
N GLY B 250 -23.63 -1.82 -1.50
CA GLY B 250 -24.85 -1.40 -2.18
C GLY B 250 -25.15 0.08 -2.10
N ALA B 251 -26.00 0.54 -3.00
CA ALA B 251 -26.48 1.91 -3.00
C ALA B 251 -27.63 2.04 -2.00
N SER B 252 -27.47 2.97 -1.05
CA SER B 252 -28.49 3.24 -0.05
C SER B 252 -29.44 4.32 -0.57
N GLU B 253 -30.59 4.46 0.10
CA GLU B 253 -31.54 5.52 -0.24
C GLU B 253 -30.98 6.90 0.05
N GLU B 254 -30.10 6.99 1.06
CA GLU B 254 -29.38 8.24 1.32
C GLU B 254 -28.46 8.62 0.15
N LEU B 255 -27.82 7.63 -0.46
CA LEU B 255 -27.00 7.85 -1.65
C LEU B 255 -27.87 8.23 -2.86
N LYS B 256 -28.94 7.46 -3.08
CA LYS B 256 -29.83 7.68 -4.21
C LYS B 256 -30.47 9.06 -4.22
N LYS B 257 -30.84 9.58 -3.06
CA LYS B 257 -31.43 10.93 -2.93
C LYS B 257 -30.42 12.04 -3.22
N ALA B 258 -29.23 11.94 -2.62
CA ALA B 258 -28.18 12.91 -2.83
C ALA B 258 -27.73 12.96 -4.30
N ALA B 259 -27.66 11.78 -4.92
CA ALA B 259 -27.36 11.64 -6.35
C ALA B 259 -28.45 12.27 -7.23
N LYS B 260 -29.71 11.97 -6.88
CA LYS B 260 -30.87 12.54 -7.56
C LYS B 260 -30.81 14.07 -7.56
N MET B 261 -30.40 14.65 -6.43
CA MET B 261 -30.30 16.09 -6.28
C MET B 261 -29.13 16.67 -7.06
N ARG B 262 -28.05 15.90 -7.16
CA ARG B 262 -26.83 16.37 -7.81
C ARG B 262 -26.71 15.93 -9.28
N GLY B 263 -27.66 15.11 -9.72
CA GLY B 263 -27.67 14.60 -11.09
C GLY B 263 -26.59 13.55 -11.31
N TRP B 264 -26.15 12.91 -10.22
CA TRP B 264 -25.17 11.84 -10.31
C TRP B 264 -25.85 10.56 -10.74
N LYS B 265 -25.17 9.77 -11.58
CA LYS B 265 -25.69 8.49 -12.04
C LYS B 265 -25.17 7.36 -11.16
N VAL B 266 -26.10 6.63 -10.54
CA VAL B 266 -25.78 5.51 -9.67
C VAL B 266 -26.01 4.22 -10.43
N VAL B 267 -24.96 3.39 -10.52
CA VAL B 267 -25.05 2.12 -11.22
C VAL B 267 -24.72 1.01 -10.24
N GLU B 268 -25.67 0.13 -9.99
CA GLU B 268 -25.48 -0.96 -9.03
C GLU B 268 -25.14 -2.25 -9.74
N LEU B 269 -23.96 -2.78 -9.44
CA LEU B 269 -23.45 -3.97 -10.11
C LEU B 269 -23.26 -5.10 -9.11
N GLU B 270 -23.09 -6.32 -9.65
CA GLU B 270 -22.77 -7.49 -8.85
C GLU B 270 -21.70 -8.30 -9.60
N LEU B 271 -20.68 -8.75 -8.87
CA LEU B 271 -19.61 -9.54 -9.45
C LEU B 271 -19.39 -10.88 -8.72
#